data_2Q7I
#
_entry.id   2Q7I
#
_cell.length_a   56.001
_cell.length_b   66.398
_cell.length_c   70.832
_cell.angle_alpha   90.00
_cell.angle_beta   90.00
_cell.angle_gamma   90.00
#
_symmetry.space_group_name_H-M   'P 21 21 21'
#
loop_
_entity.id
_entity.type
_entity.pdbx_description
1 polymer 'Androgen receptor'
2 polymer 'Androgen receptor'
3 non-polymer 'SULFATE ION'
4 non-polymer TESTOSTERONE
5 non-polymer GLYCEROL
6 water water
#
loop_
_entity_poly.entity_id
_entity_poly.type
_entity_poly.pdbx_seq_one_letter_code
_entity_poly.pdbx_strand_id
1 'polypeptide(L)'
;HIEGYECQPIFLNVLEAIEPGVVCAGHDNNQPDSFAALLSSLNELGERQLVHVVKWAKALPGFRNLHVDDQMAVIQYSWM
GLMVFAMGWRSFTNVNSRMLYFAPDLVFNEYRMHKSRMYSQCVRMRHLSQEFGWLQITPQEFLCMKALLLFSIIPVDGLK
NQKFFDELRMNYIKELDRIIACKRKNPTSCSRRFYQLTKLLDSVQPIARELHQFTFDLLIKSHMVSVDFPEMMAEIISVQ
VPKILSGKVKPIYFHTQ
;
A
2 'polypeptide(L)' RGAFQNLFQSV B
#
loop_
_chem_comp.id
_chem_comp.type
_chem_comp.name
_chem_comp.formula
GOL non-polymer GLYCEROL 'C3 H8 O3'
SO4 non-polymer 'SULFATE ION' 'O4 S -2'
TES non-polymer TESTOSTERONE 'C19 H28 O2'
#
# COMPACT_ATOMS: atom_id res chain seq x y z
N PRO A 9 22.81 13.82 -2.44
CA PRO A 9 21.92 12.69 -2.17
C PRO A 9 20.83 12.60 -3.23
N ILE A 10 21.22 12.16 -4.42
CA ILE A 10 20.32 12.12 -5.58
C ILE A 10 19.06 11.29 -5.32
N PHE A 11 19.25 10.10 -4.78
CA PHE A 11 18.14 9.15 -4.60
C PHE A 11 17.05 9.72 -3.70
N LEU A 12 17.45 10.26 -2.55
CA LEU A 12 16.50 10.86 -1.63
C LEU A 12 15.89 12.15 -2.17
N ASN A 13 16.67 12.90 -2.93
CA ASN A 13 16.13 14.07 -3.63
C ASN A 13 14.92 13.67 -4.46
N VAL A 14 15.07 12.58 -5.21
CA VAL A 14 14.02 12.09 -6.09
C VAL A 14 12.79 11.63 -5.29
N LEU A 15 13.01 10.82 -4.26
CA LEU A 15 11.88 10.31 -3.46
C LEU A 15 11.07 11.44 -2.80
N GLU A 16 11.74 12.46 -2.29
CA GLU A 16 11.03 13.59 -1.71
C GLU A 16 10.28 14.37 -2.80
N ALA A 17 10.89 14.51 -3.97
CA ALA A 17 10.30 15.27 -5.07
C ALA A 17 9.02 14.64 -5.64
N ILE A 18 8.97 13.30 -5.68
CA ILE A 18 7.85 12.59 -6.32
C ILE A 18 6.73 12.18 -5.37
N GLU A 19 6.91 12.46 -4.09
CA GLU A 19 5.97 11.98 -3.08
C GLU A 19 4.59 12.61 -3.30
N PRO A 20 3.54 11.75 -3.46
CA PRO A 20 2.21 12.30 -3.68
C PRO A 20 1.76 13.25 -2.57
N GLY A 21 0.93 14.22 -2.94
CA GLY A 21 0.29 15.08 -1.97
C GLY A 21 -1.02 14.50 -1.42
N VAL A 22 -1.91 15.39 -0.99
CA VAL A 22 -3.15 15.04 -0.30
C VAL A 22 -4.18 14.47 -1.26
N VAL A 23 -4.83 13.39 -0.85
CA VAL A 23 -5.91 12.80 -1.62
C VAL A 23 -7.15 12.69 -0.75
N CYS A 24 -8.26 13.28 -1.21
CA CYS A 24 -9.53 13.20 -0.50
C CYS A 24 -10.36 12.05 -1.05
N ALA A 25 -11.19 11.48 -0.20
CA ALA A 25 -12.02 10.34 -0.57
C ALA A 25 -13.34 10.76 -1.24
N GLY A 26 -13.77 11.99 -1.00
CA GLY A 26 -15.12 12.43 -1.44
C GLY A 26 -16.23 11.93 -0.54
N HIS A 27 -15.92 11.57 0.69
CA HIS A 27 -16.91 11.06 1.63
C HIS A 27 -17.88 12.16 2.10
N ASP A 28 -19.17 11.86 2.12
CA ASP A 28 -20.17 12.79 2.67
C ASP A 28 -20.24 12.58 4.17
N ASN A 29 -19.56 13.45 4.91
CA ASN A 29 -19.53 13.32 6.36
C ASN A 29 -20.84 13.71 7.06
N ASN A 30 -21.81 14.23 6.29
CA ASN A 30 -23.13 14.56 6.84
C ASN A 30 -24.04 13.35 6.95
N GLN A 31 -23.80 12.34 6.11
CA GLN A 31 -24.59 11.13 6.19
C GLN A 31 -24.18 10.35 7.45
N PRO A 32 -25.15 9.68 8.09
CA PRO A 32 -24.77 8.84 9.22
C PRO A 32 -23.81 7.75 8.78
N ASP A 33 -22.94 7.32 9.69
CA ASP A 33 -22.01 6.25 9.36
C ASP A 33 -22.81 4.98 9.09
N SER A 34 -22.43 4.29 8.03
CA SER A 34 -22.98 3.00 7.69
C SER A 34 -21.87 2.20 7.03
N PHE A 35 -21.95 0.87 7.15
CA PHE A 35 -21.01 -0.02 6.49
C PHE A 35 -20.92 0.31 5.00
N ALA A 36 -22.06 0.40 4.34
CA ALA A 36 -22.11 0.64 2.89
C ALA A 36 -21.45 1.97 2.50
N ALA A 37 -21.73 3.03 3.24
CA ALA A 37 -21.17 4.35 2.92
C ALA A 37 -19.67 4.42 3.22
N LEU A 38 -19.25 3.87 4.35
CA LEU A 38 -17.83 3.93 4.70
C LEU A 38 -16.99 3.14 3.72
N LEU A 39 -17.46 1.95 3.38
CA LEU A 39 -16.70 1.06 2.50
C LEU A 39 -16.72 1.54 1.06
N SER A 40 -17.85 2.10 0.60
CA SER A 40 -17.90 2.70 -0.73
C SER A 40 -16.91 3.85 -0.86
N SER A 41 -16.78 4.66 0.21
CA SER A 41 -15.86 5.80 0.23
C SER A 41 -14.42 5.32 0.27
N LEU A 42 -14.15 4.26 1.04
CA LEU A 42 -12.81 3.67 1.05
C LEU A 42 -12.42 3.15 -0.33
N ASN A 43 -13.38 2.53 -1.02
CA ASN A 43 -13.15 2.01 -2.36
C ASN A 43 -12.84 3.13 -3.36
N GLU A 44 -13.59 4.21 -3.29
CA GLU A 44 -13.35 5.37 -4.15
C GLU A 44 -11.98 5.99 -3.84
N LEU A 45 -11.62 6.04 -2.56
CA LEU A 45 -10.31 6.53 -2.13
C LEU A 45 -9.19 5.69 -2.72
N GLY A 46 -9.37 4.37 -2.69
CA GLY A 46 -8.43 3.45 -3.33
C GLY A 46 -8.27 3.72 -4.83
N GLU A 47 -9.38 3.92 -5.52
CA GLU A 47 -9.36 4.25 -6.95
C GLU A 47 -8.57 5.56 -7.21
N ARG A 48 -8.77 6.57 -6.37
CA ARG A 48 -8.09 7.86 -6.51
C ARG A 48 -6.60 7.74 -6.20
N GLN A 49 -6.30 7.03 -5.11
CA GLN A 49 -4.91 6.83 -4.71
C GLN A 49 -4.14 5.98 -5.73
N LEU A 50 -4.82 5.03 -6.39
CA LEU A 50 -4.17 4.21 -7.43
CA LEU A 50 -4.14 4.22 -7.38
C LEU A 50 -3.56 5.09 -8.50
N VAL A 51 -4.28 6.12 -8.91
CA VAL A 51 -3.79 7.03 -9.94
C VAL A 51 -2.47 7.66 -9.47
N HIS A 52 -2.44 8.12 -8.23
CA HIS A 52 -1.24 8.72 -7.67
C HIS A 52 -0.09 7.73 -7.52
N VAL A 53 -0.40 6.49 -7.15
CA VAL A 53 0.61 5.44 -7.00
C VAL A 53 1.24 5.10 -8.34
N VAL A 54 0.45 5.09 -9.40
CA VAL A 54 0.98 4.81 -10.72
C VAL A 54 1.92 5.94 -11.13
N LYS A 55 1.49 7.18 -10.98
CA LYS A 55 2.31 8.34 -11.39
C LYS A 55 3.62 8.38 -10.59
N TRP A 56 3.52 8.11 -9.29
CA TRP A 56 4.70 8.03 -8.41
C TRP A 56 5.66 6.90 -8.81
N ALA A 57 5.12 5.68 -8.96
CA ALA A 57 5.94 4.52 -9.27
C ALA A 57 6.70 4.68 -10.57
N LYS A 58 6.03 5.21 -11.60
CA LYS A 58 6.66 5.36 -12.91
C LYS A 58 7.81 6.37 -12.88
N ALA A 59 7.80 7.25 -11.88
CA ALA A 59 8.86 8.24 -11.69
C ALA A 59 9.99 7.79 -10.73
N LEU A 60 9.93 6.56 -10.21
CA LEU A 60 10.93 6.08 -9.27
C LEU A 60 12.28 5.82 -9.96
N PRO A 61 13.40 6.10 -9.26
CA PRO A 61 14.70 5.74 -9.84
C PRO A 61 14.77 4.27 -10.26
N GLY A 62 15.14 4.05 -11.51
CA GLY A 62 15.32 2.70 -12.05
C GLY A 62 14.07 1.92 -12.48
N PHE A 63 12.88 2.46 -12.21
CA PHE A 63 11.63 1.73 -12.46
C PHE A 63 11.47 1.31 -13.91
N ARG A 64 11.96 2.17 -14.82
CA ARG A 64 11.91 1.89 -16.25
C ARG A 64 12.91 0.82 -16.69
N ASN A 65 13.82 0.41 -15.81
CA ASN A 65 14.67 -0.77 -16.06
C ASN A 65 13.80 -2.04 -16.19
N LEU A 66 12.66 -2.07 -15.50
CA LEU A 66 11.80 -3.25 -15.52
C LEU A 66 11.09 -3.42 -16.85
N HIS A 67 10.84 -4.68 -17.23
CA HIS A 67 9.96 -4.97 -18.35
C HIS A 67 8.61 -4.32 -18.04
N VAL A 68 8.00 -3.70 -19.05
CA VAL A 68 6.73 -2.98 -18.85
C VAL A 68 5.61 -3.84 -18.22
N ASP A 69 5.52 -5.12 -18.58
CA ASP A 69 4.54 -6.01 -17.96
C ASP A 69 4.78 -6.15 -16.45
N ASP A 70 6.05 -6.19 -16.06
CA ASP A 70 6.45 -6.30 -14.66
C ASP A 70 6.20 -5.00 -13.90
N GLN A 71 6.46 -3.87 -14.56
CA GLN A 71 6.07 -2.55 -14.07
C GLN A 71 4.59 -2.53 -13.67
N MET A 72 3.72 -3.01 -14.56
CA MET A 72 2.28 -3.04 -14.25
C MET A 72 1.96 -4.04 -13.15
N ALA A 73 2.59 -5.21 -13.20
CA ALA A 73 2.34 -6.26 -12.21
C ALA A 73 2.69 -5.82 -10.80
N VAL A 74 3.88 -5.26 -10.59
CA VAL A 74 4.30 -4.92 -9.21
C VAL A 74 3.38 -3.90 -8.56
N ILE A 75 2.87 -2.96 -9.36
CA ILE A 75 1.92 -1.97 -8.85
C ILE A 75 0.62 -2.65 -8.48
N GLN A 76 0.14 -3.53 -9.34
CA GLN A 76 -1.10 -4.23 -9.08
C GLN A 76 -1.05 -5.21 -7.90
N TYR A 77 0.14 -5.72 -7.57
CA TYR A 77 0.30 -6.60 -6.41
C TYR A 77 0.55 -5.86 -5.10
N SER A 78 1.23 -4.71 -5.18
CA SER A 78 1.77 -4.02 -4.00
CA SER A 78 1.75 -4.04 -3.97
C SER A 78 0.95 -2.84 -3.48
N TRP A 79 -0.08 -2.42 -4.23
CA TRP A 79 -0.83 -1.21 -3.86
C TRP A 79 -1.40 -1.24 -2.46
N MET A 80 -1.93 -2.39 -2.04
CA MET A 80 -2.55 -2.47 -0.70
C MET A 80 -1.52 -2.14 0.38
N GLY A 81 -0.36 -2.78 0.33
CA GLY A 81 0.68 -2.54 1.31
C GLY A 81 1.22 -1.12 1.27
N LEU A 82 1.43 -0.62 0.05
CA LEU A 82 1.89 0.75 -0.17
C LEU A 82 0.96 1.75 0.50
N MET A 83 -0.33 1.57 0.23
CA MET A 83 -1.36 2.50 0.70
C MET A 83 -1.59 2.41 2.21
N VAL A 84 -1.55 1.20 2.75
CA VAL A 84 -1.66 1.01 4.20
C VAL A 84 -0.49 1.67 4.94
N PHE A 85 0.70 1.47 4.40
CA PHE A 85 1.91 2.01 5.01
C PHE A 85 1.89 3.54 5.01
N ALA A 86 1.52 4.14 3.88
CA ALA A 86 1.37 5.59 3.79
C ALA A 86 0.25 6.10 4.72
N MET A 87 -0.85 5.37 4.81
CA MET A 87 -1.95 5.77 5.69
C MET A 87 -1.48 5.75 7.15
N GLY A 88 -0.75 4.70 7.52
CA GLY A 88 -0.19 4.60 8.87
C GLY A 88 0.70 5.79 9.19
N TRP A 89 1.48 6.22 8.20
CA TRP A 89 2.34 7.39 8.32
C TRP A 89 1.52 8.67 8.53
N ARG A 90 0.53 8.89 7.68
CA ARG A 90 -0.39 10.04 7.80
C ARG A 90 -1.07 10.06 9.16
N SER A 91 -1.48 8.90 9.63
CA SER A 91 -2.12 8.77 10.95
C SER A 91 -1.15 9.18 12.05
N PHE A 92 0.11 8.80 11.90
CA PHE A 92 1.15 9.13 12.88
C PHE A 92 1.45 10.61 12.89
N THR A 93 1.61 11.21 11.70
CA THR A 93 2.01 12.61 11.62
C THR A 93 0.85 13.58 11.90
N ASN A 94 -0.39 13.16 11.66
CA ASN A 94 -1.52 14.08 11.74
C ASN A 94 -2.29 13.99 13.03
N VAL A 95 -2.48 12.79 13.55
CA VAL A 95 -3.29 12.60 14.75
C VAL A 95 -2.58 11.71 15.79
N ASN A 96 -1.25 11.64 15.72
CA ASN A 96 -0.47 10.83 16.66
C ASN A 96 -1.03 9.43 16.83
N SER A 97 -1.45 8.83 15.72
CA SER A 97 -2.00 7.47 15.69
C SER A 97 -3.29 7.28 16.48
N ARG A 98 -3.92 8.39 16.90
CA ARG A 98 -5.15 8.33 17.70
C ARG A 98 -6.33 7.86 16.86
N MET A 99 -6.23 8.08 15.56
CA MET A 99 -7.26 7.66 14.62
C MET A 99 -6.56 7.25 13.32
N LEU A 100 -7.29 6.56 12.45
CA LEU A 100 -6.78 6.20 11.13
C LEU A 100 -7.16 7.25 10.09
N TYR A 101 -6.14 8.00 9.65
CA TYR A 101 -6.29 9.12 8.75
C TYR A 101 -6.25 8.64 7.29
N PHE A 102 -7.34 8.03 6.84
CA PHE A 102 -7.39 7.52 5.47
C PHE A 102 -7.29 8.69 4.49
N ALA A 103 -8.04 9.75 4.80
CA ALA A 103 -8.00 10.98 4.04
C ALA A 103 -8.48 12.12 4.95
N PRO A 104 -8.26 13.39 4.54
CA PRO A 104 -8.70 14.49 5.39
C PRO A 104 -10.20 14.46 5.64
N ASP A 105 -10.95 13.97 4.66
CA ASP A 105 -12.41 13.83 4.75
C ASP A 105 -12.89 12.42 5.12
N LEU A 106 -11.96 11.56 5.56
CA LEU A 106 -12.30 10.20 5.95
C LEU A 106 -11.34 9.68 7.03
N VAL A 107 -11.59 10.15 8.25
CA VAL A 107 -10.77 9.81 9.42
C VAL A 107 -11.58 8.86 10.28
N PHE A 108 -11.01 7.69 10.58
CA PHE A 108 -11.71 6.66 11.32
C PHE A 108 -11.42 6.79 12.81
N ASN A 109 -12.47 7.01 13.58
CA ASN A 109 -12.44 6.84 15.04
C ASN A 109 -12.88 5.41 15.32
N GLU A 110 -12.92 5.02 16.60
CA GLU A 110 -13.30 3.64 16.98
C GLU A 110 -14.69 3.23 16.50
N TYR A 111 -15.63 4.18 16.51
CA TYR A 111 -16.99 3.87 16.09
C TYR A 111 -16.99 3.44 14.61
N ARG A 112 -16.25 4.16 13.78
CA ARG A 112 -16.12 3.83 12.36
C ARG A 112 -15.35 2.53 12.12
N MET A 113 -14.31 2.29 12.90
CA MET A 113 -13.60 1.01 12.90
C MET A 113 -14.59 -0.13 13.10
N HIS A 114 -15.51 0.02 14.05
CA HIS A 114 -16.55 -0.98 14.27
C HIS A 114 -17.55 -1.06 13.13
N LYS A 115 -18.11 0.08 12.71
CA LYS A 115 -19.16 0.09 11.70
C LYS A 115 -18.68 -0.38 10.33
N SER A 116 -17.40 -0.23 10.05
CA SER A 116 -16.78 -0.74 8.82
C SER A 116 -16.69 -2.27 8.78
N ARG A 117 -16.86 -2.92 9.93
CA ARG A 117 -16.73 -4.38 10.07
C ARG A 117 -15.29 -4.85 9.86
N MET A 118 -14.35 -3.92 10.05
CA MET A 118 -12.93 -4.18 9.87
C MET A 118 -12.16 -3.86 11.13
N TYR A 119 -12.79 -4.01 12.30
CA TYR A 119 -12.17 -3.51 13.52
C TYR A 119 -10.83 -4.20 13.76
N SER A 120 -10.78 -5.53 13.63
CA SER A 120 -9.52 -6.24 13.83
C SER A 120 -8.45 -5.74 12.87
N GLN A 121 -8.79 -5.53 11.59
CA GLN A 121 -7.80 -5.04 10.63
C GLN A 121 -7.36 -3.61 10.98
N CYS A 122 -8.32 -2.77 11.38
CA CYS A 122 -7.99 -1.39 11.80
C CYS A 122 -7.06 -1.33 13.00
N VAL A 123 -7.29 -2.23 13.96
CA VAL A 123 -6.42 -2.38 15.12
C VAL A 123 -4.97 -2.57 14.67
N ARG A 124 -4.77 -3.51 13.76
CA ARG A 124 -3.43 -3.82 13.26
C ARG A 124 -2.82 -2.61 12.56
N MET A 125 -3.64 -1.89 11.80
CA MET A 125 -3.18 -0.70 11.09
C MET A 125 -2.81 0.43 12.05
N ARG A 126 -3.59 0.58 13.11
CA ARG A 126 -3.28 1.56 14.14
C ARG A 126 -1.99 1.17 14.88
N HIS A 127 -1.79 -0.12 15.10
CA HIS A 127 -0.53 -0.60 15.67
C HIS A 127 0.66 -0.18 14.80
N LEU A 128 0.56 -0.46 13.51
CA LEU A 128 1.57 -0.02 12.53
C LEU A 128 1.83 1.48 12.64
N SER A 129 0.75 2.27 12.67
CA SER A 129 0.87 3.71 12.84
C SER A 129 1.68 4.04 14.09
N GLN A 130 1.32 3.40 15.20
CA GLN A 130 2.01 3.60 16.49
C GLN A 130 3.51 3.26 16.41
N GLU A 131 3.84 2.26 15.60
CA GLU A 131 5.25 1.86 15.42
C GLU A 131 6.10 3.00 14.87
N PHE A 132 5.53 3.84 14.00
CA PHE A 132 6.28 4.97 13.48
C PHE A 132 6.75 5.87 14.62
N GLY A 133 5.94 5.95 15.69
CA GLY A 133 6.28 6.70 16.89
C GLY A 133 7.25 5.94 17.77
N TRP A 134 6.89 4.70 18.09
CA TRP A 134 7.69 3.85 18.97
C TRP A 134 9.12 3.66 18.46
N LEU A 135 9.30 3.63 17.14
CA LEU A 135 10.63 3.49 16.53
C LEU A 135 11.25 4.83 16.12
N GLN A 136 10.54 5.94 16.29
CA GLN A 136 11.03 7.25 15.84
C GLN A 136 11.49 7.23 14.37
N ILE A 137 10.64 6.66 13.52
CA ILE A 137 10.91 6.56 12.09
C ILE A 137 11.01 7.96 11.47
N THR A 138 12.09 8.24 10.75
CA THR A 138 12.27 9.53 10.10
C THR A 138 11.55 9.59 8.75
N PRO A 139 11.21 10.80 8.28
CA PRO A 139 10.63 10.96 6.93
C PRO A 139 11.43 10.27 5.84
N GLN A 140 12.76 10.36 5.90
CA GLN A 140 13.62 9.76 4.90
C GLN A 140 13.59 8.22 4.97
N GLU A 141 13.52 7.67 6.18
CA GLU A 141 13.34 6.23 6.36
C GLU A 141 11.99 5.80 5.81
N PHE A 142 10.94 6.55 6.14
CA PHE A 142 9.61 6.27 5.63
C PHE A 142 9.60 6.18 4.10
N LEU A 143 10.17 7.18 3.42
CA LEU A 143 10.14 7.24 1.96
C LEU A 143 10.88 6.05 1.35
N CYS A 144 12.04 5.71 1.89
CA CYS A 144 12.84 4.59 1.37
CA CYS A 144 12.82 4.59 1.35
C CYS A 144 12.13 3.26 1.60
N MET A 145 11.53 3.11 2.77
CA MET A 145 10.79 1.90 3.09
CA MET A 145 10.78 1.91 3.10
C MET A 145 9.57 1.75 2.18
N LYS A 146 8.85 2.85 1.97
CA LYS A 146 7.66 2.83 1.11
C LYS A 146 8.04 2.42 -0.31
N ALA A 147 9.10 2.99 -0.86
CA ALA A 147 9.58 2.59 -2.18
C ALA A 147 9.88 1.08 -2.21
N LEU A 148 10.53 0.58 -1.16
CA LEU A 148 10.86 -0.86 -1.09
C LEU A 148 9.61 -1.75 -1.13
N LEU A 149 8.50 -1.29 -0.56
CA LEU A 149 7.24 -2.03 -0.58
C LEU A 149 6.69 -2.28 -1.99
N LEU A 150 7.04 -1.42 -2.94
CA LEU A 150 6.65 -1.64 -4.34
C LEU A 150 7.30 -2.91 -4.89
N PHE A 151 8.47 -3.24 -4.37
CA PHE A 151 9.27 -4.36 -4.83
C PHE A 151 9.29 -5.49 -3.79
N SER A 152 8.17 -5.72 -3.11
CA SER A 152 8.14 -6.70 -2.03
CA SER A 152 8.14 -6.70 -2.03
C SER A 152 7.07 -7.79 -2.19
N ILE A 153 6.46 -7.88 -3.38
CA ILE A 153 5.51 -8.96 -3.65
CA ILE A 153 5.48 -8.95 -3.69
C ILE A 153 5.57 -9.36 -5.14
N ILE A 154 5.87 -10.64 -5.39
CA ILE A 154 6.06 -11.12 -6.75
C ILE A 154 5.50 -12.55 -6.95
N PRO A 155 5.31 -12.96 -8.21
CA PRO A 155 4.85 -14.33 -8.45
C PRO A 155 5.91 -15.35 -8.03
N VAL A 156 5.47 -16.45 -7.44
CA VAL A 156 6.37 -17.53 -7.02
C VAL A 156 7.17 -18.04 -8.24
N ASP A 157 6.54 -18.07 -9.39
CA ASP A 157 7.18 -18.53 -10.63
C ASP A 157 7.99 -17.45 -11.35
N GLY A 158 8.07 -16.25 -10.76
CA GLY A 158 8.91 -15.19 -11.29
C GLY A 158 8.23 -14.19 -12.21
N LEU A 159 8.90 -13.06 -12.38
CA LEU A 159 8.45 -12.01 -13.27
C LEU A 159 8.95 -12.29 -14.69
N LYS A 160 8.49 -11.46 -15.64
CA LYS A 160 8.91 -11.54 -17.06
C LYS A 160 10.42 -11.39 -17.22
N ASN A 161 11.00 -10.36 -16.58
CA ASN A 161 12.45 -10.27 -16.42
C ASN A 161 12.86 -10.17 -14.95
N GLN A 162 13.01 -11.33 -14.32
CA GLN A 162 13.34 -11.41 -12.91
C GLN A 162 14.66 -10.72 -12.57
N LYS A 163 15.64 -10.81 -13.45
CA LYS A 163 16.97 -10.23 -13.17
C LYS A 163 16.92 -8.74 -12.93
N PHE A 164 16.20 -8.02 -13.79
CA PHE A 164 16.07 -6.57 -13.65
C PHE A 164 15.36 -6.18 -12.35
N PHE A 165 14.36 -6.95 -11.96
CA PHE A 165 13.68 -6.75 -10.68
C PHE A 165 14.63 -7.00 -9.52
N ASP A 166 15.35 -8.14 -9.54
CA ASP A 166 16.24 -8.49 -8.43
C ASP A 166 17.29 -7.40 -8.18
N GLU A 167 17.82 -6.86 -9.27
CA GLU A 167 18.83 -5.80 -9.22
C GLU A 167 18.21 -4.53 -8.64
N LEU A 168 17.00 -4.22 -9.06
CA LEU A 168 16.31 -3.02 -8.60
C LEU A 168 16.01 -3.11 -7.10
N ARG A 169 15.46 -4.25 -6.68
CA ARG A 169 15.17 -4.48 -5.27
C ARG A 169 16.45 -4.38 -4.42
N MET A 170 17.51 -5.02 -4.89
CA MET A 170 18.81 -4.96 -4.23
C MET A 170 19.26 -3.52 -3.98
N ASN A 171 19.17 -2.68 -5.01
CA ASN A 171 19.62 -1.30 -4.90
C ASN A 171 18.75 -0.47 -3.95
N TYR A 172 17.45 -0.74 -3.89
CA TYR A 172 16.58 -0.07 -2.91
C TYR A 172 16.85 -0.51 -1.48
N ILE A 173 17.25 -1.78 -1.29
CA ILE A 173 17.69 -2.24 0.04
C ILE A 173 18.97 -1.50 0.42
N LYS A 174 19.89 -1.37 -0.53
CA LYS A 174 21.15 -0.65 -0.30
C LYS A 174 20.91 0.82 0.03
N GLU A 175 19.93 1.45 -0.64
CA GLU A 175 19.58 2.84 -0.35
C GLU A 175 19.05 3.00 1.06
N LEU A 176 18.24 2.04 1.51
CA LEU A 176 17.71 2.04 2.88
C LEU A 176 18.83 1.89 3.92
N ASP A 177 19.73 0.94 3.69
CA ASP A 177 20.87 0.73 4.57
C ASP A 177 21.71 2.00 4.70
N ARG A 178 21.90 2.72 3.61
CA ARG A 178 22.75 3.91 3.62
C ARG A 178 22.08 5.07 4.37
N ILE A 179 20.75 5.13 4.31
CA ILE A 179 19.98 6.10 5.12
C ILE A 179 20.08 5.80 6.60
N ILE A 180 20.21 4.53 6.93
CA ILE A 180 20.43 4.08 8.32
C ILE A 180 21.85 4.40 8.82
N SER A 189 24.33 -0.43 16.44
CA SER A 189 23.14 0.41 16.34
C SER A 189 22.58 0.49 14.90
N CYS A 190 23.47 0.49 13.91
CA CYS A 190 23.05 0.39 12.51
C CYS A 190 22.41 -0.96 12.22
N SER A 191 22.99 -2.01 12.79
CA SER A 191 22.44 -3.37 12.61
C SER A 191 21.12 -3.49 13.35
N ARG A 192 21.05 -2.90 14.55
CA ARG A 192 19.82 -2.90 15.33
C ARG A 192 18.72 -2.19 14.55
N ARG A 193 19.05 -1.04 13.99
CA ARG A 193 18.12 -0.22 13.22
C ARG A 193 17.65 -0.94 11.96
N PHE A 194 18.59 -1.52 11.23
CA PHE A 194 18.23 -2.26 10.02
C PHE A 194 17.32 -3.43 10.36
N TYR A 195 17.64 -4.14 11.44
CA TYR A 195 16.78 -5.20 11.92
C TYR A 195 15.37 -4.70 12.20
N GLN A 196 15.27 -3.58 12.91
CA GLN A 196 13.99 -2.99 13.30
C GLN A 196 13.13 -2.61 12.10
N LEU A 197 13.74 -1.92 11.14
CA LEU A 197 13.01 -1.45 9.96
C LEU A 197 12.58 -2.59 9.04
N THR A 198 13.43 -3.60 8.84
CA THR A 198 13.04 -4.79 8.07
C THR A 198 11.91 -5.58 8.74
N LYS A 199 11.97 -5.68 10.06
CA LYS A 199 10.87 -6.24 10.83
C LYS A 199 9.58 -5.44 10.62
N LEU A 200 9.68 -4.13 10.63
CA LEU A 200 8.50 -3.28 10.43
C LEU A 200 7.94 -3.49 9.01
N LEU A 201 8.82 -3.50 8.02
CA LEU A 201 8.41 -3.78 6.64
C LEU A 201 7.69 -5.11 6.51
N ASP A 202 8.27 -6.17 7.08
CA ASP A 202 7.61 -7.49 7.07
C ASP A 202 6.19 -7.40 7.64
N SER A 203 6.02 -6.62 8.70
CA SER A 203 4.74 -6.53 9.42
C SER A 203 3.58 -5.97 8.60
N VAL A 204 3.91 -5.26 7.52
CA VAL A 204 2.90 -4.73 6.60
C VAL A 204 2.16 -5.86 5.86
N GLN A 205 2.89 -6.92 5.54
CA GLN A 205 2.37 -7.93 4.63
C GLN A 205 1.19 -8.74 5.19
N PRO A 206 1.26 -9.21 6.46
CA PRO A 206 0.08 -9.88 7.01
C PRO A 206 -1.15 -8.97 7.08
N ILE A 207 -0.95 -7.68 7.35
CA ILE A 207 -2.04 -6.71 7.35
C ILE A 207 -2.64 -6.60 5.95
N ALA A 208 -1.77 -6.45 4.94
CA ALA A 208 -2.23 -6.38 3.55
C ALA A 208 -2.98 -7.65 3.19
N ARG A 209 -2.47 -8.82 3.62
CA ARG A 209 -3.18 -10.07 3.30
C ARG A 209 -4.59 -10.11 3.88
N GLU A 210 -4.74 -9.69 5.12
CA GLU A 210 -6.06 -9.68 5.75
C GLU A 210 -7.01 -8.75 5.01
N LEU A 211 -6.48 -7.61 4.54
CA LEU A 211 -7.27 -6.68 3.77
C LEU A 211 -7.59 -7.21 2.37
N HIS A 212 -6.63 -7.87 1.73
CA HIS A 212 -6.88 -8.56 0.47
C HIS A 212 -8.06 -9.53 0.60
N GLN A 213 -8.03 -10.35 1.64
CA GLN A 213 -9.12 -11.30 1.86
C GLN A 213 -10.45 -10.60 2.09
N PHE A 214 -10.43 -9.58 2.92
CA PHE A 214 -11.66 -8.83 3.26
C PHE A 214 -12.28 -8.17 2.03
N THR A 215 -11.47 -7.47 1.25
CA THR A 215 -11.96 -6.75 0.07
C THR A 215 -12.42 -7.72 -1.03
N PHE A 216 -11.72 -8.85 -1.18
CA PHE A 216 -12.15 -9.87 -2.12
C PHE A 216 -13.54 -10.39 -1.75
N ASP A 217 -13.70 -10.79 -0.49
CA ASP A 217 -15.00 -11.29 -0.01
C ASP A 217 -16.10 -10.25 -0.19
N LEU A 218 -15.76 -8.99 0.05
CA LEU A 218 -16.71 -7.88 -0.09
C LEU A 218 -17.12 -7.66 -1.54
N LEU A 219 -16.16 -7.69 -2.45
CA LEU A 219 -16.46 -7.54 -3.86
C LEU A 219 -17.47 -8.60 -4.32
N ILE A 220 -17.23 -9.84 -3.93
CA ILE A 220 -18.06 -10.96 -4.36
C ILE A 220 -19.52 -10.77 -3.92
N LYS A 221 -19.72 -10.27 -2.69
CA LYS A 221 -21.08 -10.04 -2.19
C LYS A 221 -21.52 -8.57 -2.25
N SER A 222 -20.80 -7.75 -3.00
CA SER A 222 -20.99 -6.29 -2.95
C SER A 222 -22.43 -5.89 -3.32
N HIS A 223 -23.01 -6.60 -4.27
CA HIS A 223 -24.40 -6.36 -4.69
C HIS A 223 -25.41 -6.60 -3.57
N MET A 224 -25.11 -7.52 -2.66
CA MET A 224 -26.00 -7.82 -1.54
C MET A 224 -25.94 -6.78 -0.43
N VAL A 225 -24.84 -6.03 -0.34
CA VAL A 225 -24.61 -5.10 0.77
C VAL A 225 -24.53 -3.63 0.34
N SER A 226 -24.89 -3.34 -0.91
CA SER A 226 -24.87 -1.97 -1.45
C SER A 226 -23.51 -1.29 -1.34
N VAL A 227 -22.43 -2.05 -1.50
CA VAL A 227 -21.09 -1.46 -1.51
C VAL A 227 -20.65 -1.30 -2.95
N ASP A 228 -20.29 -0.07 -3.31
CA ASP A 228 -19.86 0.24 -4.67
C ASP A 228 -18.34 0.08 -4.80
N PHE A 229 -17.93 -0.64 -5.84
CA PHE A 229 -16.51 -0.74 -6.23
C PHE A 229 -16.32 -0.03 -7.56
N PRO A 230 -15.41 0.96 -7.62
CA PRO A 230 -15.10 1.57 -8.91
C PRO A 230 -14.36 0.62 -9.86
N GLU A 231 -14.18 1.06 -11.09
CA GLU A 231 -13.76 0.18 -12.17
C GLU A 231 -12.41 -0.52 -11.96
N MET A 232 -11.35 0.24 -11.68
CA MET A 232 -10.02 -0.36 -11.48
C MET A 232 -9.96 -1.24 -10.24
N MET A 233 -10.59 -0.80 -9.14
CA MET A 233 -10.64 -1.61 -7.92
CA MET A 233 -10.64 -1.61 -7.92
C MET A 233 -11.28 -2.97 -8.20
N ALA A 234 -12.45 -2.96 -8.84
CA ALA A 234 -13.16 -4.20 -9.16
C ALA A 234 -12.32 -5.14 -10.05
N GLU A 235 -11.66 -4.57 -11.04
CA GLU A 235 -10.82 -5.32 -11.96
C GLU A 235 -9.65 -5.93 -11.22
N ILE A 236 -8.90 -5.09 -10.52
CA ILE A 236 -7.70 -5.54 -9.81
C ILE A 236 -8.02 -6.55 -8.73
N ILE A 237 -9.12 -6.34 -8.01
CA ILE A 237 -9.49 -7.24 -6.92
C ILE A 237 -9.98 -8.62 -7.44
N SER A 238 -10.51 -8.66 -8.66
CA SER A 238 -11.02 -9.92 -9.24
C SER A 238 -9.98 -10.65 -10.11
N VAL A 239 -9.02 -9.91 -10.65
CA VAL A 239 -8.05 -10.48 -11.58
C VAL A 239 -6.70 -10.72 -10.91
N GLN A 240 -6.24 -9.76 -10.09
CA GLN A 240 -4.89 -9.81 -9.54
C GLN A 240 -4.85 -10.28 -8.09
N VAL A 241 -5.72 -9.72 -7.25
CA VAL A 241 -5.76 -10.12 -5.84
C VAL A 241 -5.94 -11.65 -5.65
N PRO A 242 -6.80 -12.30 -6.46
CA PRO A 242 -6.92 -13.77 -6.31
C PRO A 242 -5.61 -14.55 -6.54
N LYS A 243 -4.69 -14.01 -7.34
CA LYS A 243 -3.38 -14.64 -7.52
C LYS A 243 -2.60 -14.65 -6.21
N ILE A 244 -2.77 -13.60 -5.41
CA ILE A 244 -2.16 -13.53 -4.09
C ILE A 244 -2.83 -14.51 -3.14
N LEU A 245 -4.16 -14.48 -3.10
CA LEU A 245 -4.92 -15.30 -2.17
C LEU A 245 -4.80 -16.80 -2.46
N SER A 246 -4.60 -17.13 -3.73
CA SER A 246 -4.43 -18.53 -4.14
C SER A 246 -3.00 -19.01 -4.01
N GLY A 247 -2.08 -18.10 -3.66
CA GLY A 247 -0.69 -18.47 -3.42
C GLY A 247 0.23 -18.41 -4.63
N LYS A 248 -0.27 -17.92 -5.77
CA LYS A 248 0.55 -17.80 -6.97
C LYS A 248 1.51 -16.61 -6.90
N VAL A 249 1.15 -15.64 -6.08
CA VAL A 249 1.91 -14.42 -5.87
C VAL A 249 2.08 -14.25 -4.37
N LYS A 250 3.33 -14.04 -3.94
CA LYS A 250 3.66 -14.03 -2.52
C LYS A 250 4.54 -12.86 -2.12
N PRO A 251 4.36 -12.38 -0.88
CA PRO A 251 5.30 -11.36 -0.41
C PRO A 251 6.71 -11.89 -0.21
N ILE A 252 7.69 -11.00 -0.37
CA ILE A 252 9.07 -11.27 -0.05
C ILE A 252 9.30 -10.78 1.38
N TYR A 253 9.56 -11.71 2.30
CA TYR A 253 9.86 -11.36 3.68
C TYR A 253 11.36 -11.30 3.88
N PHE A 254 11.80 -10.35 4.71
CA PHE A 254 13.20 -10.34 5.15
C PHE A 254 13.49 -11.48 6.10
N HIS A 255 12.63 -11.62 7.10
CA HIS A 255 12.77 -12.60 8.17
C HIS A 255 11.79 -13.73 7.94
N THR A 256 12.15 -14.93 8.41
CA THR A 256 11.30 -16.10 8.20
C THR A 256 10.10 -16.03 9.16
N GLN A 257 8.91 -16.23 8.62
CA GLN A 257 7.65 -16.09 9.39
C GLN A 257 7.26 -17.43 10.03
N GLY B 2 -8.87 -4.40 -18.91
CA GLY B 2 -8.05 -3.28 -19.47
C GLY B 2 -8.03 -1.94 -18.74
N ALA B 3 -8.77 -1.79 -17.65
CA ALA B 3 -8.90 -0.49 -16.99
C ALA B 3 -7.58 -0.02 -16.36
N PHE B 4 -6.90 -0.90 -15.63
CA PHE B 4 -5.60 -0.53 -15.07
C PHE B 4 -4.58 -0.19 -16.15
N GLN B 5 -4.43 -1.05 -17.14
CA GLN B 5 -3.48 -0.83 -18.24
C GLN B 5 -3.76 0.50 -18.96
N ASN B 6 -5.03 0.79 -19.18
CA ASN B 6 -5.42 2.07 -19.78
C ASN B 6 -4.94 3.25 -18.94
N LEU B 7 -5.12 3.17 -17.62
CA LEU B 7 -4.58 4.22 -16.73
C LEU B 7 -3.06 4.29 -16.84
N PHE B 8 -2.42 3.14 -16.73
CA PHE B 8 -0.96 3.06 -16.73
C PHE B 8 -0.36 3.72 -17.98
N GLN B 9 -0.96 3.42 -19.14
CA GLN B 9 -0.46 3.93 -20.42
C GLN B 9 -0.83 5.40 -20.66
N SER B 10 -1.85 5.90 -19.95
CA SER B 10 -2.32 7.28 -20.10
C SER B 10 -1.53 8.29 -19.28
N VAL B 11 -0.63 7.78 -18.44
CA VAL B 11 0.10 8.54 -17.43
C VAL B 11 -0.42 8.68 -16.00
S SO4 C . -24.46 -0.57 9.27
O1 SO4 C . -23.01 -0.47 9.27
O2 SO4 C . -24.99 -0.22 7.95
O3 SO4 C . -24.87 -1.93 9.59
O4 SO4 C . -25.00 0.35 10.27
S SO4 D . 1.12 12.66 -7.86
O1 SO4 D . 2.41 13.24 -7.49
O2 SO4 D . 0.66 13.28 -9.10
O3 SO4 D . 1.25 11.22 -8.03
O4 SO4 D . 0.17 12.91 -6.78
C1 TES E . -7.61 3.10 0.62
C2 TES E . -6.42 4.04 0.71
C3 TES E . -5.83 3.98 2.10
O3 TES E . -5.27 4.97 2.57
C4 TES E . -5.95 2.74 2.88
C5 TES E . -6.62 1.67 2.42
C6 TES E . -6.63 0.41 3.26
C7 TES E . -8.03 -0.19 3.34
C8 TES E . -8.59 -0.43 1.94
C9 TES E . -8.65 0.89 1.14
C10 TES E . -7.31 1.66 1.07
C11 TES E . -9.28 0.64 -0.25
C12 TES E . -10.63 -0.04 -0.17
C13 TES E . -10.57 -1.35 0.62
C14 TES E . -9.98 -1.07 2.00
C15 TES E . -10.18 -2.40 2.74
C16 TES E . -11.54 -2.90 2.24
C17 TES E . -11.90 -1.98 1.05
O17 TES E . -12.57 -2.70 0.02
C18 TES E . -9.73 -2.36 -0.19
C19 TES E . -6.29 1.02 0.12
C1 GOL F . 0.80 6.68 -1.34
O1 GOL F . 1.83 7.49 -1.84
C2 GOL F . -0.53 7.08 -1.95
O2 GOL F . -1.42 6.00 -1.93
C3 GOL F . -1.14 8.24 -1.17
O3 GOL F . -2.11 8.93 -1.96
#